data_5FZG
#
_entry.id   5FZG
#
_cell.length_a   141.920
_cell.length_b   141.920
_cell.length_c   151.220
_cell.angle_alpha   90.00
_cell.angle_beta   90.00
_cell.angle_gamma   120.00
#
_symmetry.space_group_name_H-M   'P 65 2 2'
#
loop_
_entity.id
_entity.type
_entity.pdbx_description
1 polymer 'LYSINE-SPECIFIC DEMETHYLASE 5B'
2 non-polymer 'ZINC ION'
3 non-polymer 'CHLORIDE ION'
4 non-polymer 'MANGANESE (II) ION'
5 non-polymer '4-(2-HYDROXYETHYL)-1-PIPERAZINE ETHANESULFONIC ACID'
6 non-polymer 1,2-ETHANEDIOL
7 non-polymer 'DIMETHYL SULFOXIDE'
8 non-polymer '[(6-oxo-4-phenyl-1,6-dihydropyrimidin-2-yl)sulfanyl]acetic acid'
9 non-polymer 'PHOSPHATE ION'
10 water water
#
_entity_poly.entity_id   1
_entity_poly.type   'polypeptide(L)'
_entity_poly.pdbx_seq_one_letter_code
;SMFLPPPECPVFEPSWEEFADPFAFIHKIRPIAEQTGICKVRPPPDWQPPFACDVDKLHFTPRIQRLNELEAQTRVKLGG
GGARDYTLRTFGEMADAFKSDYFNMPVHMVPTELVEKEFWRLVSTIEEDVTVEYGADIASKEFGSGFPVRDGKIKLSPEE
EEYLDSGWNLNNMPVMEQSVLAHITADICGMKLPWLYVGMCFSSFCWHIEDHWSYSINYLHWGEPKTWYGVPGYAAEQLE
NVMKKLAPELFVSQPDLLHQLVTIMNPNTLMTHEVPVYRTNQCAGEFVITFPRAYHSGFNQGFNFAEAVNFCTVDWLPLG
RQCVEHYRLLHRYCVFSHDEMICKMASKADVLDVVVASTVQKDMAIMIEDEKALRETVRKLGVIDSERMDFELLPDDERQ
CVKCKTTCFMSAISCSCKPGLLVCLHHVKELCSCPPYKYKLRYRYTLDDLYPMMNALKLRAESYNEWALNVNEALEAKI
;
_entity_poly.pdbx_strand_id   A
#
# COMPACT_ATOMS: atom_id res chain seq x y z
N SER A 1 -18.93 -26.48 -14.32
CA SER A 1 -18.22 -26.00 -13.16
C SER A 1 -18.15 -24.49 -13.14
N MET A 2 -18.78 -23.88 -12.14
CA MET A 2 -18.88 -22.44 -12.15
C MET A 2 -17.56 -21.78 -11.75
N PHE A 3 -16.87 -22.27 -10.72
CA PHE A 3 -15.59 -21.65 -10.33
C PHE A 3 -14.40 -22.58 -10.36
N LEU A 4 -13.39 -22.22 -11.14
CA LEU A 4 -12.15 -22.98 -11.15
C LEU A 4 -11.06 -22.25 -10.36
N PRO A 5 -10.65 -22.82 -9.21
CA PRO A 5 -9.65 -22.10 -8.40
C PRO A 5 -8.34 -21.87 -9.14
N PRO A 6 -7.81 -20.64 -9.08
CA PRO A 6 -6.49 -20.38 -9.62
C PRO A 6 -5.44 -21.31 -9.00
N PRO A 7 -4.30 -21.46 -9.67
CA PRO A 7 -3.19 -22.21 -9.09
C PRO A 7 -2.67 -21.55 -7.81
N GLU A 8 -2.08 -22.36 -6.94
CA GLU A 8 -1.58 -21.87 -5.66
C GLU A 8 -0.36 -21.00 -5.87
N CYS A 9 -0.23 -19.96 -5.05
CA CYS A 9 0.95 -19.11 -5.07
C CYS A 9 2.09 -19.82 -4.32
N PRO A 10 3.35 -19.35 -4.46
CA PRO A 10 4.47 -19.94 -3.71
C PRO A 10 4.28 -19.81 -2.21
N VAL A 11 4.72 -20.85 -1.50
CA VAL A 11 4.71 -20.88 -0.04
C VAL A 11 6.13 -21.15 0.41
N PHE A 12 6.66 -20.26 1.25
CA PHE A 12 8.03 -20.40 1.71
C PHE A 12 8.03 -20.78 3.19
N GLU A 13 8.92 -21.70 3.57
CA GLU A 13 9.08 -22.11 4.96
C GLU A 13 10.52 -21.88 5.39
N PRO A 14 10.88 -20.61 5.67
CA PRO A 14 12.29 -20.30 5.96
C PRO A 14 12.76 -20.84 7.31
N SER A 15 14.04 -21.22 7.37
CA SER A 15 14.67 -21.57 8.65
C SER A 15 14.81 -20.32 9.50
N TRP A 16 15.16 -20.48 10.76
N TRP A 16 15.15 -20.51 10.76
CA TRP A 16 15.35 -19.31 11.62
CA TRP A 16 15.41 -19.39 11.65
C TRP A 16 16.46 -18.43 11.08
C TRP A 16 16.46 -18.46 11.07
N GLU A 17 17.51 -19.04 10.51
CA GLU A 17 18.60 -18.29 9.91
C GLU A 17 18.11 -17.42 8.75
N GLU A 18 17.37 -18.02 7.82
CA GLU A 18 16.78 -17.31 6.69
C GLU A 18 15.73 -16.29 7.09
N PHE A 19 15.03 -16.55 8.20
CA PHE A 19 13.87 -15.77 8.63
C PHE A 19 14.25 -14.51 9.39
N ALA A 20 15.31 -14.60 10.18
CA ALA A 20 15.76 -13.54 11.08
C ALA A 20 15.76 -12.14 10.43
N ASP A 21 16.27 -12.04 9.20
CA ASP A 21 16.27 -10.76 8.49
C ASP A 21 15.23 -10.74 7.37
N PRO A 22 14.10 -10.04 7.61
CA PRO A 22 12.99 -9.96 6.65
C PRO A 22 13.42 -9.38 5.30
N PHE A 23 14.28 -8.37 5.30
CA PHE A 23 14.69 -7.73 4.06
C PHE A 23 15.56 -8.66 3.22
N ALA A 24 16.49 -9.36 3.85
CA ALA A 24 17.31 -10.33 3.14
C ALA A 24 16.45 -11.44 2.55
N PHE A 25 15.51 -11.93 3.37
CA PHE A 25 14.65 -13.05 2.95
C PHE A 25 13.79 -12.65 1.75
N ILE A 26 13.18 -11.48 1.82
CA ILE A 26 12.33 -11.00 0.73
C ILE A 26 13.13 -10.83 -0.56
N HIS A 27 14.37 -10.35 -0.43
CA HIS A 27 15.25 -10.20 -1.58
C HIS A 27 15.57 -11.56 -2.19
N LYS A 28 15.74 -12.55 -1.32
CA LYS A 28 16.03 -13.92 -1.75
C LYS A 28 14.89 -14.54 -2.58
N ILE A 29 13.64 -14.37 -2.15
CA ILE A 29 12.51 -14.99 -2.82
C ILE A 29 11.98 -14.19 -4.00
N ARG A 30 12.43 -12.94 -4.13
CA ARG A 30 11.95 -12.05 -5.18
C ARG A 30 11.94 -12.64 -6.60
N PRO A 31 13.01 -13.33 -7.03
CA PRO A 31 12.95 -13.89 -8.39
C PRO A 31 11.74 -14.81 -8.61
N ILE A 32 11.32 -15.51 -7.57
CA ILE A 32 10.14 -16.38 -7.66
C ILE A 32 8.84 -15.60 -7.50
N ALA A 33 8.71 -14.92 -6.37
CA ALA A 33 7.45 -14.31 -5.97
C ALA A 33 7.03 -13.13 -6.85
N GLU A 34 7.99 -12.45 -7.48
CA GLU A 34 7.60 -11.33 -8.34
C GLU A 34 6.91 -11.82 -9.61
N GLN A 35 7.04 -13.11 -9.92
CA GLN A 35 6.32 -13.70 -11.06
C GLN A 35 4.86 -14.07 -10.71
N THR A 36 4.55 -14.10 -9.41
CA THR A 36 3.20 -14.48 -8.97
C THR A 36 2.46 -13.34 -8.26
N GLY A 37 3.19 -12.29 -7.91
CA GLY A 37 2.58 -11.12 -7.30
C GLY A 37 2.41 -11.23 -5.80
N ILE A 38 1.90 -12.37 -5.33
CA ILE A 38 1.82 -12.62 -3.91
C ILE A 38 2.53 -13.93 -3.58
N CYS A 39 2.91 -14.09 -2.32
CA CYS A 39 3.42 -15.36 -1.81
C CYS A 39 3.10 -15.46 -0.34
N LYS A 40 3.23 -16.66 0.21
CA LYS A 40 2.92 -16.89 1.60
C LYS A 40 4.19 -17.33 2.31
N VAL A 41 4.35 -16.89 3.55
CA VAL A 41 5.52 -17.23 4.36
C VAL A 41 5.07 -17.84 5.68
N ARG A 42 5.49 -19.09 5.91
CA ARG A 42 5.23 -19.75 7.19
C ARG A 42 6.45 -19.56 8.07
N PRO A 43 6.29 -18.87 9.20
CA PRO A 43 7.46 -18.64 10.05
C PRO A 43 7.93 -19.95 10.69
N PRO A 44 9.20 -20.01 11.12
CA PRO A 44 9.69 -21.18 11.86
C PRO A 44 8.76 -21.50 13.03
N PRO A 45 8.65 -22.78 13.40
CA PRO A 45 7.65 -23.31 14.35
C PRO A 45 7.56 -22.61 15.71
N ASP A 46 8.70 -22.13 16.21
CA ASP A 46 8.72 -21.51 17.53
C ASP A 46 8.67 -19.98 17.50
N TRP A 47 8.65 -19.37 16.31
CA TRP A 47 8.31 -17.96 16.22
C TRP A 47 6.81 -17.88 16.49
N GLN A 48 6.47 -17.48 17.69
CA GLN A 48 5.07 -17.49 18.13
C GLN A 48 4.77 -16.28 18.99
N PRO A 49 4.51 -15.14 18.35
CA PRO A 49 4.24 -13.91 19.09
C PRO A 49 3.01 -14.10 19.96
N PRO A 50 3.03 -13.54 21.17
CA PRO A 50 1.90 -13.77 22.07
C PRO A 50 0.74 -12.89 21.67
N PHE A 51 -0.45 -13.47 21.52
CA PHE A 51 -1.60 -12.60 21.33
C PHE A 51 -2.52 -12.61 22.53
N ALA A 52 -2.72 -11.44 23.12
CA ALA A 52 -3.62 -11.31 24.26
C ALA A 52 -4.47 -10.05 24.16
N CYS A 53 -5.78 -10.20 24.30
CA CYS A 53 -6.68 -9.06 24.31
C CYS A 53 -7.94 -9.33 25.11
N ASP A 54 -8.53 -8.28 25.66
CA ASP A 54 -9.84 -8.36 26.30
C ASP A 54 -10.89 -8.04 25.24
N VAL A 55 -11.67 -9.04 24.86
CA VAL A 55 -12.59 -8.89 23.74
C VAL A 55 -13.76 -7.98 24.08
N ASP A 56 -13.92 -7.67 25.37
CA ASP A 56 -14.98 -6.77 25.81
C ASP A 56 -14.54 -5.30 25.84
N LYS A 57 -13.23 -5.05 25.81
CA LYS A 57 -12.77 -3.65 25.88
C LYS A 57 -12.33 -3.11 24.52
N LEU A 58 -12.02 -3.99 23.58
CA LEU A 58 -11.70 -3.57 22.23
C LEU A 58 -13.00 -3.23 21.50
N HIS A 59 -13.12 -2.00 21.02
CA HIS A 59 -14.32 -1.45 20.35
CA HIS A 59 -14.29 -1.67 20.23
C HIS A 59 -13.92 -0.89 18.99
N PHE A 60 -14.82 -0.93 18.01
CA PHE A 60 -14.58 -0.26 16.74
C PHE A 60 -15.89 0.02 16.02
N THR A 61 -15.84 0.99 15.11
CA THR A 61 -16.98 1.33 14.27
C THR A 61 -16.96 0.45 13.02
N PRO A 62 -18.00 -0.34 12.82
CA PRO A 62 -18.00 -1.24 11.66
C PRO A 62 -18.30 -0.51 10.36
N ARG A 63 -17.69 -0.97 9.27
N ARG A 63 -17.74 -1.02 9.27
CA ARG A 63 -18.11 -0.56 7.94
CA ARG A 63 -18.09 -0.60 7.92
C ARG A 63 -19.10 -1.60 7.43
C ARG A 63 -18.97 -1.67 7.29
N ILE A 64 -19.90 -1.23 6.44
CA ILE A 64 -20.87 -2.16 5.84
C ILE A 64 -20.53 -2.34 4.36
N GLN A 65 -20.83 -3.51 3.84
CA GLN A 65 -20.37 -3.86 2.51
C GLN A 65 -21.42 -4.69 1.80
N ARG A 66 -21.87 -4.24 0.63
CA ARG A 66 -22.66 -5.06 -0.29
C ARG A 66 -21.71 -5.91 -1.12
N LEU A 67 -22.13 -7.13 -1.46
CA LEU A 67 -21.27 -8.04 -2.19
C LEU A 67 -21.76 -8.29 -3.62
N ASN A 68 -21.49 -7.35 -4.52
CA ASN A 68 -21.86 -7.47 -5.93
C ASN A 68 -20.66 -7.28 -6.85
N GLU A 69 -20.42 -8.27 -7.71
CA GLU A 69 -19.33 -8.18 -8.68
C GLU A 69 -19.51 -6.95 -9.57
N LEU A 70 -18.40 -6.25 -9.82
CA LEU A 70 -18.33 -5.12 -10.74
C LEU A 70 -18.96 -3.85 -10.18
N GLU A 71 -19.57 -3.94 -9.01
CA GLU A 71 -20.12 -2.75 -8.38
C GLU A 71 -19.01 -1.93 -7.73
N ALA A 72 -19.09 -0.59 -7.87
CA ALA A 72 -18.09 0.30 -7.30
C ALA A 72 -18.11 0.34 -5.77
N GLN A 73 -16.91 0.32 -5.17
CA GLN A 73 -16.71 0.54 -3.74
C GLN A 73 -15.50 1.46 -3.58
N THR A 74 -15.32 2.04 -2.39
CA THR A 74 -14.10 2.83 -2.10
C THR A 74 -13.34 2.27 -0.91
N ARG A 75 -12.01 2.36 -0.93
CA ARG A 75 -11.13 1.88 0.16
C ARG A 75 -11.31 2.64 1.47
N VAL A 76 -11.50 3.95 1.40
CA VAL A 76 -11.61 4.71 2.64
C VAL A 76 -13.06 5.07 2.93
N LYS A 77 -13.41 5.13 4.22
CA LYS A 77 -14.79 5.35 4.66
C LYS A 77 -15.39 6.63 4.07
N ALA A 83 -23.15 4.50 12.80
CA ALA A 83 -23.26 3.11 13.22
C ALA A 83 -22.73 2.93 14.64
N ARG A 84 -23.43 2.14 15.45
CA ARG A 84 -22.97 1.88 16.82
C ARG A 84 -21.72 1.00 16.77
N ASP A 85 -20.81 1.21 17.70
CA ASP A 85 -19.64 0.36 17.77
C ASP A 85 -20.01 -1.08 18.13
N TYR A 86 -19.20 -2.02 17.68
CA TYR A 86 -19.17 -3.37 18.19
C TYR A 86 -18.04 -3.46 19.19
N THR A 87 -18.14 -4.31 20.19
CA THR A 87 -16.90 -4.76 20.81
C THR A 87 -16.40 -5.94 19.99
N LEU A 88 -15.15 -6.34 20.21
CA LEU A 88 -14.65 -7.50 19.49
C LEU A 88 -15.53 -8.73 19.80
N ARG A 89 -16.04 -8.82 21.03
CA ARG A 89 -16.92 -9.95 21.37
C ARG A 89 -18.24 -9.90 20.62
N THR A 90 -18.92 -8.76 20.62
CA THR A 90 -20.23 -8.71 19.97
C THR A 90 -20.08 -8.82 18.45
N PHE A 91 -18.96 -8.35 17.89
CA PHE A 91 -18.75 -8.54 16.46
C PHE A 91 -18.59 -10.03 16.18
N GLY A 92 -17.79 -10.69 17.00
CA GLY A 92 -17.54 -12.11 16.88
C GLY A 92 -18.81 -12.96 16.96
N GLU A 93 -19.69 -12.61 17.88
CA GLU A 93 -20.97 -13.31 18.05
C GLU A 93 -21.84 -13.12 16.81
N MET A 94 -21.90 -11.89 16.32
CA MET A 94 -22.66 -11.60 15.09
C MET A 94 -22.05 -12.38 13.92
N ALA A 95 -20.73 -12.40 13.84
CA ALA A 95 -20.05 -13.01 12.70
C ALA A 95 -20.21 -14.53 12.67
N ASP A 96 -20.07 -15.15 13.83
CA ASP A 96 -20.24 -16.60 13.98
C ASP A 96 -21.68 -17.05 13.69
N ALA A 97 -22.64 -16.33 14.25
CA ALA A 97 -24.06 -16.58 13.99
C ALA A 97 -24.41 -16.40 12.50
N PHE A 98 -23.86 -15.37 11.85
CA PHE A 98 -24.06 -15.17 10.42
C PHE A 98 -23.63 -16.40 9.62
N LYS A 99 -22.42 -16.85 9.87
CA LYS A 99 -21.86 -17.95 9.09
C LYS A 99 -22.61 -19.24 9.36
N SER A 100 -22.85 -19.47 10.65
CA SER A 100 -23.53 -20.68 11.10
C SER A 100 -24.91 -20.77 10.46
N ASP A 101 -25.63 -19.65 10.46
CA ASP A 101 -26.97 -19.59 9.88
C ASP A 101 -26.98 -19.65 8.35
N TYR A 102 -25.95 -19.07 7.73
CA TYR A 102 -25.87 -19.02 6.28
C TYR A 102 -25.77 -20.43 5.71
N PHE A 103 -25.01 -21.28 6.39
CA PHE A 103 -24.73 -22.62 5.90
C PHE A 103 -25.45 -23.73 6.67
N ASN A 104 -26.14 -23.36 7.74
CA ASN A 104 -26.73 -24.34 8.68
C ASN A 104 -25.72 -25.40 9.12
N MET A 105 -24.51 -24.95 9.44
CA MET A 105 -23.43 -25.83 9.86
C MET A 105 -22.64 -25.15 10.97
N PRO A 106 -21.90 -25.93 11.79
CA PRO A 106 -20.90 -25.28 12.66
C PRO A 106 -19.80 -24.62 11.81
N VAL A 107 -19.20 -23.51 12.24
CA VAL A 107 -18.34 -22.71 11.34
C VAL A 107 -17.03 -23.41 10.88
N HIS A 108 -16.49 -24.30 11.70
CA HIS A 108 -15.22 -24.94 11.36
C HIS A 108 -15.48 -26.29 10.73
N MET A 109 -16.71 -26.46 10.27
CA MET A 109 -17.03 -27.62 9.49
C MET A 109 -17.36 -27.22 8.08
N VAL A 110 -17.46 -25.91 7.84
CA VAL A 110 -17.62 -25.42 6.47
C VAL A 110 -16.28 -25.43 5.74
N PRO A 111 -16.12 -26.32 4.75
CA PRO A 111 -14.92 -26.42 3.93
C PRO A 111 -14.55 -25.07 3.31
N THR A 112 -13.26 -24.76 3.24
CA THR A 112 -12.81 -23.50 2.64
C THR A 112 -13.15 -23.45 1.15
N GLU A 113 -13.06 -24.58 0.47
N GLU A 113 -13.05 -24.59 0.48
CA GLU A 113 -13.37 -24.60 -0.96
CA GLU A 113 -13.39 -24.72 -0.94
C GLU A 113 -14.86 -24.33 -1.21
C GLU A 113 -14.84 -24.31 -1.18
N LEU A 114 -15.71 -24.65 -0.23
CA LEU A 114 -17.13 -24.37 -0.36
C LEU A 114 -17.42 -22.88 -0.14
N VAL A 115 -16.80 -22.27 0.88
CA VAL A 115 -17.02 -20.84 1.11
C VAL A 115 -16.59 -20.04 -0.13
N GLU A 116 -15.48 -20.45 -0.73
CA GLU A 116 -14.96 -19.80 -1.94
C GLU A 116 -15.91 -19.91 -3.13
N LYS A 117 -16.35 -21.14 -3.38
CA LYS A 117 -17.32 -21.42 -4.44
C LYS A 117 -18.55 -20.57 -4.22
N GLU A 118 -19.00 -20.52 -2.97
CA GLU A 118 -20.24 -19.82 -2.66
C GLU A 118 -20.07 -18.31 -2.74
N PHE A 119 -18.88 -17.82 -2.35
CA PHE A 119 -18.60 -16.40 -2.49
C PHE A 119 -18.77 -15.97 -3.95
N TRP A 120 -18.19 -16.73 -4.86
CA TRP A 120 -18.23 -16.32 -6.24
C TRP A 120 -19.63 -16.49 -6.83
N ARG A 121 -20.44 -17.40 -6.29
CA ARG A 121 -21.84 -17.50 -6.69
C ARG A 121 -22.62 -16.28 -6.24
N LEU A 122 -22.47 -15.91 -4.97
CA LEU A 122 -23.33 -14.86 -4.44
C LEU A 122 -22.98 -13.47 -4.98
N VAL A 123 -21.71 -13.22 -5.31
CA VAL A 123 -21.39 -11.87 -5.80
C VAL A 123 -21.85 -11.70 -7.27
N SER A 124 -22.07 -12.82 -7.95
CA SER A 124 -22.42 -12.77 -9.38
C SER A 124 -23.94 -12.70 -9.59
N THR A 125 -24.69 -12.90 -8.50
CA THR A 125 -26.15 -13.01 -8.55
C THR A 125 -26.81 -11.83 -7.83
N ILE A 126 -27.16 -10.76 -8.54
CA ILE A 126 -27.64 -9.57 -7.83
C ILE A 126 -29.05 -9.79 -7.24
N GLU A 127 -29.67 -10.92 -7.56
CA GLU A 127 -30.86 -11.38 -6.85
C GLU A 127 -30.55 -11.49 -5.35
N GLU A 128 -29.40 -12.08 -5.03
CA GLU A 128 -28.89 -12.11 -3.66
C GLU A 128 -28.46 -10.71 -3.24
N ASP A 129 -28.91 -10.23 -2.10
CA ASP A 129 -28.37 -8.97 -1.57
C ASP A 129 -27.79 -9.20 -0.16
N VAL A 130 -26.71 -9.96 -0.14
CA VAL A 130 -25.96 -10.23 1.09
C VAL A 130 -25.11 -9.01 1.44
N THR A 131 -25.22 -8.53 2.67
CA THR A 131 -24.33 -7.48 3.14
C THR A 131 -23.61 -7.98 4.39
N VAL A 132 -22.36 -7.56 4.54
CA VAL A 132 -21.58 -7.99 5.68
C VAL A 132 -20.90 -6.77 6.28
N GLU A 133 -20.29 -6.95 7.45
CA GLU A 133 -19.66 -5.85 8.15
C GLU A 133 -18.20 -6.22 8.44
N TYR A 134 -17.36 -5.22 8.65
CA TYR A 134 -15.97 -5.49 9.00
C TYR A 134 -15.34 -4.30 9.70
N GLY A 135 -14.13 -4.50 10.23
CA GLY A 135 -13.38 -3.40 10.78
C GLY A 135 -12.12 -3.14 9.99
N ALA A 136 -11.78 -1.87 9.84
CA ALA A 136 -10.55 -1.48 9.15
C ALA A 136 -10.08 -0.12 9.66
N ASP A 137 -8.90 -0.07 10.29
CA ASP A 137 -8.36 1.18 10.82
C ASP A 137 -6.92 1.04 11.28
N ILE A 138 -6.23 2.16 11.47
CA ILE A 138 -4.90 2.10 12.07
C ILE A 138 -5.04 1.87 13.56
N ALA A 139 -3.95 1.49 14.23
CA ALA A 139 -4.02 1.28 15.68
C ALA A 139 -4.41 2.56 16.39
N SER A 140 -5.23 2.41 17.44
CA SER A 140 -5.63 3.52 18.30
C SER A 140 -5.71 3.03 19.74
N LYS A 141 -6.00 3.95 20.66
CA LYS A 141 -6.13 3.60 22.07
C LYS A 141 -7.37 2.73 22.32
N GLU A 142 -8.33 2.79 21.40
CA GLU A 142 -9.55 1.99 21.53
C GLU A 142 -9.36 0.57 20.98
N PHE A 143 -8.38 0.42 20.10
CA PHE A 143 -8.11 -0.84 19.44
C PHE A 143 -6.67 -0.81 18.92
N GLY A 144 -5.77 -1.44 19.66
CA GLY A 144 -4.34 -1.34 19.36
C GLY A 144 -3.78 -2.45 18.49
N SER A 145 -2.49 -2.38 18.21
CA SER A 145 -1.83 -3.39 17.38
C SER A 145 -1.94 -4.79 17.98
N GLY A 146 -1.94 -5.80 17.11
CA GLY A 146 -1.90 -7.17 17.59
C GLY A 146 -0.51 -7.60 18.03
N PHE A 147 0.52 -6.87 17.63
CA PHE A 147 1.88 -7.18 18.06
C PHE A 147 2.22 -6.39 19.32
N PRO A 148 3.23 -6.84 20.09
CA PRO A 148 3.66 -6.08 21.27
C PRO A 148 4.21 -4.71 20.90
N VAL A 149 3.80 -3.68 21.62
CA VAL A 149 4.37 -2.34 21.47
C VAL A 149 4.77 -1.80 22.83
N ARG A 150 5.76 -0.92 22.87
CA ARG A 150 6.25 -0.39 24.14
C ARG A 150 5.32 0.65 24.74
N ASP A 151 5.10 0.57 26.05
CA ASP A 151 4.39 1.61 26.80
C ASP A 151 4.55 1.46 28.31
N ILE A 154 2.23 0.25 30.89
CA ILE A 154 2.00 -1.18 31.10
C ILE A 154 3.32 -1.94 31.23
N LYS A 155 3.35 -2.90 32.14
CA LYS A 155 4.46 -3.84 32.25
C LYS A 155 4.26 -5.05 31.35
N LEU A 156 5.21 -5.27 30.44
CA LEU A 156 5.13 -6.38 29.49
C LEU A 156 5.68 -7.68 30.08
N SER A 157 5.10 -8.79 29.66
CA SER A 157 5.60 -10.12 30.03
C SER A 157 6.94 -10.39 29.32
N PRO A 158 7.73 -11.35 29.82
CA PRO A 158 8.98 -11.70 29.14
C PRO A 158 8.78 -12.08 27.67
N GLU A 159 7.72 -12.83 27.37
CA GLU A 159 7.46 -13.26 25.99
C GLU A 159 7.08 -12.10 25.07
N GLU A 160 6.28 -11.16 25.57
CA GLU A 160 5.98 -9.94 24.83
C GLU A 160 7.25 -9.16 24.52
N GLU A 161 8.16 -9.12 25.49
CA GLU A 161 9.41 -8.38 25.35
C GLU A 161 10.27 -8.93 24.21
N GLU A 162 10.28 -10.26 24.03
CA GLU A 162 11.08 -10.89 22.97
C GLU A 162 10.67 -10.48 21.57
N TYR A 163 9.39 -10.17 21.37
CA TYR A 163 8.91 -9.85 20.03
C TYR A 163 8.79 -8.35 19.78
N LEU A 164 9.17 -7.54 20.77
CA LEU A 164 9.16 -6.08 20.59
C LEU A 164 10.06 -5.65 19.44
N ASP A 165 11.20 -6.30 19.31
CA ASP A 165 12.23 -5.85 18.39
C ASP A 165 12.32 -6.75 17.16
N SER A 166 11.35 -7.64 17.00
CA SER A 166 11.34 -8.53 15.85
C SER A 166 11.27 -7.75 14.56
N GLY A 167 12.00 -8.20 13.55
CA GLY A 167 11.86 -7.63 12.23
C GLY A 167 10.47 -7.90 11.65
N TRP A 168 9.83 -9.00 12.08
CA TRP A 168 8.52 -9.35 11.54
C TRP A 168 7.38 -8.84 12.40
N ASN A 169 7.72 -8.11 13.45
CA ASN A 169 6.73 -7.29 14.15
C ASN A 169 6.42 -6.13 13.23
N LEU A 170 5.19 -6.05 12.73
CA LEU A 170 4.91 -5.10 11.64
C LEU A 170 5.05 -3.62 12.07
N ASN A 171 5.04 -3.36 13.38
CA ASN A 171 5.29 -2.00 13.86
C ASN A 171 6.75 -1.57 13.59
N ASN A 172 7.66 -2.53 13.57
CA ASN A 172 9.08 -2.26 13.36
C ASN A 172 9.50 -2.18 11.90
N MET A 173 8.84 -2.96 11.05
CA MET A 173 9.20 -3.10 9.64
C MET A 173 9.57 -1.77 8.95
N PRO A 174 8.73 -0.72 9.12
CA PRO A 174 9.09 0.49 8.35
C PRO A 174 10.26 1.31 8.91
N VAL A 175 10.66 1.10 10.17
CA VAL A 175 11.70 1.92 10.76
C VAL A 175 13.02 1.17 10.85
N MET A 176 13.06 -0.03 10.25
CA MET A 176 14.29 -0.79 10.19
C MET A 176 15.27 -0.18 9.17
N GLU A 177 16.52 -0.64 9.21
CA GLU A 177 17.59 0.04 8.49
C GLU A 177 17.51 -0.12 6.97
N GLN A 178 17.11 -1.29 6.50
CA GLN A 178 17.00 -1.54 5.06
C GLN A 178 15.68 -1.03 4.47
N SER A 179 14.82 -0.46 5.32
CA SER A 179 13.63 0.19 4.82
C SER A 179 13.97 1.59 4.34
N VAL A 180 13.39 2.00 3.22
CA VAL A 180 13.85 3.23 2.60
C VAL A 180 13.02 4.38 3.19
N LEU A 181 12.05 4.02 4.03
CA LEU A 181 11.25 5.01 4.78
C LEU A 181 11.73 5.18 6.22
N ALA A 182 12.90 4.63 6.55
CA ALA A 182 13.38 4.63 7.93
C ALA A 182 13.68 6.04 8.49
N HIS A 183 14.14 6.94 7.64
CA HIS A 183 14.53 8.27 8.12
C HIS A 183 13.64 9.41 7.61
N ILE A 184 12.49 9.09 7.00
CA ILE A 184 11.59 10.14 6.51
C ILE A 184 10.80 10.83 7.64
N THR A 185 10.77 12.16 7.57
CA THR A 185 10.18 12.99 8.62
C THR A 185 8.69 13.26 8.43
N ALA A 186 8.24 13.35 7.18
CA ALA A 186 6.84 13.65 6.89
C ALA A 186 5.90 12.64 7.56
N ASP A 187 4.81 13.14 8.11
CA ASP A 187 3.87 12.28 8.85
C ASP A 187 2.88 11.61 7.92
N ILE A 188 3.20 10.38 7.52
CA ILE A 188 2.26 9.57 6.73
C ILE A 188 1.59 8.53 7.62
N CYS A 189 0.34 8.75 7.99
CA CYS A 189 -0.38 7.77 8.78
C CYS A 189 -0.62 6.50 7.97
N GLY A 190 -0.67 6.65 6.66
CA GLY A 190 -0.99 5.54 5.78
C GLY A 190 0.16 4.59 5.48
N MET A 191 1.36 5.12 5.26
CA MET A 191 2.45 4.32 4.69
C MET A 191 3.39 3.68 5.69
N LYS A 192 3.38 4.12 6.93
CA LYS A 192 4.31 3.55 7.90
C LYS A 192 3.60 3.00 9.12
N LEU A 193 2.30 3.24 9.22
CA LEU A 193 1.53 2.68 10.31
C LEU A 193 0.77 1.45 9.79
N PRO A 194 0.75 0.37 10.60
CA PRO A 194 -0.06 -0.80 10.25
C PRO A 194 -1.55 -0.55 10.34
N TRP A 195 -2.29 -1.28 9.51
CA TRP A 195 -3.74 -1.28 9.52
C TRP A 195 -4.24 -2.55 10.18
N LEU A 196 -5.33 -2.44 10.93
CA LEU A 196 -5.96 -3.57 11.59
C LEU A 196 -7.27 -3.92 10.89
N TYR A 197 -7.47 -5.20 10.58
CA TYR A 197 -8.67 -5.63 9.85
C TYR A 197 -9.39 -6.75 10.60
N VAL A 198 -10.63 -6.48 11.00
CA VAL A 198 -11.44 -7.50 11.63
C VAL A 198 -12.43 -8.05 10.60
N GLY A 199 -12.28 -9.32 10.25
CA GLY A 199 -13.08 -9.90 9.17
C GLY A 199 -14.21 -10.78 9.66
N MET A 200 -15.17 -11.05 8.77
CA MET A 200 -16.18 -12.09 8.99
C MET A 200 -16.37 -12.82 7.66
N CYS A 201 -17.12 -13.92 7.67
CA CYS A 201 -17.39 -14.69 6.46
C CYS A 201 -17.86 -13.80 5.30
N PHE A 202 -17.15 -13.88 4.17
CA PHE A 202 -17.42 -13.13 2.92
C PHE A 202 -17.00 -11.65 2.94
N SER A 203 -16.59 -11.08 4.08
CA SER A 203 -16.16 -9.67 4.04
C SER A 203 -14.93 -9.68 3.15
N SER A 204 -14.80 -8.67 2.29
N SER A 204 -14.82 -8.67 2.28
CA SER A 204 -13.85 -8.83 1.21
CA SER A 204 -13.97 -8.78 1.10
C SER A 204 -13.11 -7.55 0.89
C SER A 204 -13.14 -7.53 0.83
N PHE A 205 -11.95 -7.70 0.29
CA PHE A 205 -11.18 -6.54 -0.13
C PHE A 205 -11.08 -6.58 -1.64
N CYS A 206 -11.49 -5.48 -2.26
CA CYS A 206 -11.52 -5.39 -3.73
C CYS A 206 -10.14 -5.36 -4.33
N TRP A 207 -10.08 -5.62 -5.63
CA TRP A 207 -8.86 -5.55 -6.41
C TRP A 207 -8.16 -4.20 -6.29
N HIS A 208 -6.88 -4.23 -5.95
CA HIS A 208 -6.15 -2.98 -5.79
C HIS A 208 -4.66 -3.24 -5.82
N ILE A 209 -3.88 -2.18 -6.01
CA ILE A 209 -2.46 -2.21 -5.71
C ILE A 209 -2.18 -1.19 -4.60
N GLU A 210 -1.00 -1.28 -4.00
CA GLU A 210 -0.67 -0.37 -2.91
C GLU A 210 -0.28 1.01 -3.43
N ASP A 211 -0.52 2.02 -2.60
CA ASP A 211 -0.07 3.38 -2.86
C ASP A 211 1.43 3.39 -3.20
N HIS A 212 1.77 4.14 -4.25
CA HIS A 212 3.14 4.29 -4.74
C HIS A 212 3.76 2.97 -5.13
N TRP A 213 2.92 1.98 -5.44
CA TRP A 213 3.36 0.62 -5.81
C TRP A 213 4.29 -0.02 -4.76
N SER A 214 4.06 0.25 -3.49
CA SER A 214 4.93 -0.34 -2.48
C SER A 214 4.65 -1.85 -2.34
N TYR A 215 5.56 -2.54 -1.67
CA TYR A 215 5.25 -3.86 -1.12
C TYR A 215 4.18 -3.76 -0.03
N SER A 216 3.56 -4.89 0.32
CA SER A 216 2.85 -4.97 1.58
C SER A 216 3.13 -6.32 2.26
N ILE A 217 3.03 -6.33 3.57
CA ILE A 217 3.13 -7.56 4.33
C ILE A 217 1.91 -7.61 5.24
N ASN A 218 1.31 -8.79 5.30
N ASN A 218 1.22 -8.76 5.22
CA ASN A 218 0.00 -8.95 5.91
CA ASN A 218 -0.02 -8.96 5.97
C ASN A 218 0.05 -10.18 6.83
C ASN A 218 0.18 -10.15 6.87
N TYR A 219 -0.22 -10.00 8.12
CA TYR A 219 -0.17 -11.10 9.07
C TYR A 219 -1.54 -11.43 9.59
N LEU A 220 -1.86 -12.71 9.66
CA LEU A 220 -3.15 -13.13 10.23
C LEU A 220 -2.91 -13.59 11.66
N HIS A 221 -3.34 -12.79 12.63
CA HIS A 221 -3.07 -13.04 14.04
C HIS A 221 -3.82 -14.27 14.55
N TRP A 222 -5.11 -14.33 14.25
CA TRP A 222 -5.92 -15.47 14.64
C TRP A 222 -7.25 -15.51 13.88
N GLY A 223 -7.91 -16.65 13.99
CA GLY A 223 -9.24 -16.82 13.42
C GLY A 223 -9.22 -17.68 12.18
N GLU A 224 -10.34 -17.68 11.47
CA GLU A 224 -10.47 -18.45 10.24
C GLU A 224 -9.67 -17.82 9.11
N PRO A 225 -9.33 -18.61 8.08
CA PRO A 225 -8.40 -18.11 7.06
C PRO A 225 -8.90 -16.93 6.22
N LYS A 226 -7.94 -16.26 5.60
CA LYS A 226 -8.21 -15.21 4.63
C LYS A 226 -7.81 -15.74 3.26
N THR A 227 -8.73 -15.69 2.31
CA THR A 227 -8.47 -16.19 0.97
C THR A 227 -7.98 -15.07 0.06
N TRP A 228 -6.85 -15.28 -0.62
CA TRP A 228 -6.23 -14.25 -1.47
C TRP A 228 -6.20 -14.63 -2.93
N TYR A 229 -6.33 -13.63 -3.82
CA TYR A 229 -5.97 -13.76 -5.23
C TYR A 229 -4.95 -12.69 -5.56
N GLY A 230 -3.93 -13.06 -6.33
CA GLY A 230 -2.84 -12.15 -6.67
C GLY A 230 -2.44 -12.26 -8.13
N VAL A 231 -1.94 -11.14 -8.66
CA VAL A 231 -1.52 -11.01 -10.05
C VAL A 231 -0.12 -10.38 -10.06
N PRO A 232 0.83 -10.94 -10.82
CA PRO A 232 2.18 -10.37 -10.86
C PRO A 232 2.20 -8.93 -11.40
N GLY A 233 3.17 -8.17 -10.94
CA GLY A 233 3.33 -6.78 -11.36
C GLY A 233 3.40 -6.57 -12.87
N TYR A 234 4.00 -7.51 -13.58
CA TYR A 234 4.16 -7.34 -15.02
C TYR A 234 2.82 -7.38 -15.75
N ALA A 235 1.76 -7.83 -15.09
CA ALA A 235 0.46 -7.95 -15.75
C ALA A 235 -0.54 -6.90 -15.28
N ALA A 236 -0.07 -5.92 -14.52
CA ALA A 236 -0.98 -4.89 -13.99
C ALA A 236 -1.78 -4.18 -15.10
N GLU A 237 -1.12 -3.83 -16.19
CA GLU A 237 -1.85 -3.07 -17.20
C GLU A 237 -2.83 -3.94 -17.98
N GLN A 238 -2.51 -5.21 -18.16
CA GLN A 238 -3.48 -6.14 -18.75
C GLN A 238 -4.74 -6.22 -17.89
N LEU A 239 -4.55 -6.34 -16.58
CA LEU A 239 -5.69 -6.40 -15.66
C LEU A 239 -6.53 -5.14 -15.78
N GLU A 240 -5.86 -3.98 -15.82
CA GLU A 240 -6.59 -2.72 -15.87
C GLU A 240 -7.39 -2.60 -17.17
N ASN A 241 -6.81 -3.06 -18.27
CA ASN A 241 -7.52 -3.06 -19.55
C ASN A 241 -8.75 -3.97 -19.50
N VAL A 242 -8.67 -5.11 -18.82
CA VAL A 242 -9.84 -5.97 -18.64
C VAL A 242 -10.92 -5.27 -17.81
N MET A 243 -10.50 -4.67 -16.69
CA MET A 243 -11.39 -3.90 -15.83
C MET A 243 -12.05 -2.76 -16.59
N LYS A 244 -11.28 -2.10 -17.45
CA LYS A 244 -11.80 -0.94 -18.16
C LYS A 244 -12.88 -1.37 -19.14
N LYS A 245 -12.71 -2.54 -19.76
CA LYS A 245 -13.74 -3.00 -20.68
C LYS A 245 -15.03 -3.41 -19.96
N LEU A 246 -14.91 -4.05 -18.80
CA LEU A 246 -16.08 -4.60 -18.09
C LEU A 246 -16.73 -3.63 -17.11
N ALA A 247 -15.97 -2.67 -16.61
CA ALA A 247 -16.50 -1.71 -15.64
C ALA A 247 -15.87 -0.33 -15.77
N PRO A 248 -16.17 0.37 -16.89
CA PRO A 248 -15.58 1.69 -17.20
C PRO A 248 -15.90 2.77 -16.16
N GLU A 249 -16.99 2.59 -15.42
CA GLU A 249 -17.41 3.53 -14.38
C GLU A 249 -16.34 3.73 -13.30
N LEU A 250 -15.47 2.74 -13.12
CA LEU A 250 -14.44 2.78 -12.08
C LEU A 250 -13.23 3.60 -12.50
N PHE A 251 -13.26 4.12 -13.72
CA PHE A 251 -12.10 4.79 -14.27
C PHE A 251 -12.34 6.27 -14.54
N VAL A 252 -13.54 6.74 -14.20
CA VAL A 252 -13.85 8.16 -14.25
C VAL A 252 -13.01 8.90 -13.20
N SER A 253 -12.58 10.11 -13.53
CA SER A 253 -11.74 10.89 -12.62
C SER A 253 -12.46 11.17 -11.30
N GLN A 254 -11.71 11.09 -10.20
CA GLN A 254 -12.28 11.29 -8.87
C GLN A 254 -11.60 12.47 -8.18
N PRO A 255 -12.38 13.25 -7.41
CA PRO A 255 -11.93 14.53 -6.82
C PRO A 255 -10.65 14.41 -6.00
N ASP A 256 -10.45 13.31 -5.28
CA ASP A 256 -9.22 13.13 -4.52
C ASP A 256 -8.87 11.65 -4.27
N LEU A 257 -7.87 11.43 -3.42
CA LEU A 257 -7.39 10.10 -3.12
C LEU A 257 -8.31 9.37 -2.14
N LEU A 258 -9.17 10.14 -1.49
CA LEU A 258 -10.20 9.55 -0.63
C LEU A 258 -11.41 9.14 -1.47
N HIS A 259 -11.19 8.94 -2.77
CA HIS A 259 -12.29 8.70 -3.69
C HIS A 259 -12.01 7.65 -4.76
N GLN A 260 -10.86 6.99 -4.69
CA GLN A 260 -10.53 5.97 -5.69
C GLN A 260 -11.57 4.85 -5.66
N LEU A 261 -12.02 4.42 -6.85
CA LEU A 261 -13.02 3.38 -6.94
C LEU A 261 -12.36 2.02 -7.17
N VAL A 262 -12.89 0.98 -6.51
CA VAL A 262 -12.36 -0.37 -6.68
C VAL A 262 -13.51 -1.35 -6.74
N THR A 263 -13.26 -2.59 -7.17
CA THR A 263 -14.35 -3.54 -7.30
C THR A 263 -13.99 -5.02 -7.09
N ILE A 264 -15.01 -5.80 -6.79
CA ILE A 264 -14.96 -7.25 -6.81
C ILE A 264 -15.02 -7.78 -8.24
N MET A 265 -14.08 -8.65 -8.61
CA MET A 265 -14.15 -9.32 -9.90
C MET A 265 -13.60 -10.74 -9.84
N ASN A 266 -14.38 -11.67 -10.39
CA ASN A 266 -14.03 -13.09 -10.43
C ASN A 266 -12.68 -13.33 -11.12
N PRO A 267 -11.75 -14.01 -10.44
CA PRO A 267 -10.46 -14.25 -11.07
C PRO A 267 -10.53 -15.07 -12.36
N ASN A 268 -11.56 -15.90 -12.53
CA ASN A 268 -11.69 -16.68 -13.77
C ASN A 268 -11.91 -15.75 -14.97
N THR A 269 -12.57 -14.63 -14.72
CA THR A 269 -12.78 -13.64 -15.76
C THR A 269 -11.45 -13.05 -16.22
N LEU A 270 -10.55 -12.81 -15.28
CA LEU A 270 -9.21 -12.33 -15.62
C LEU A 270 -8.41 -13.40 -16.35
N MET A 271 -8.48 -14.62 -15.84
CA MET A 271 -7.74 -15.73 -16.41
C MET A 271 -8.20 -16.04 -17.84
N THR A 272 -9.48 -15.77 -18.10
CA THR A 272 -10.05 -15.92 -19.44
C THR A 272 -9.41 -14.93 -20.41
N HIS A 273 -9.02 -13.77 -19.89
CA HIS A 273 -8.41 -12.75 -20.72
C HIS A 273 -6.90 -12.71 -20.59
N GLU A 274 -6.33 -13.86 -20.24
CA GLU A 274 -4.87 -14.08 -20.24
C GLU A 274 -4.13 -13.33 -19.13
N VAL A 275 -4.83 -12.95 -18.07
CA VAL A 275 -4.16 -12.43 -16.88
C VAL A 275 -3.85 -13.57 -15.93
N PRO A 276 -2.56 -13.78 -15.63
CA PRO A 276 -2.18 -14.81 -14.65
C PRO A 276 -2.64 -14.44 -13.25
N VAL A 277 -3.34 -15.37 -12.59
CA VAL A 277 -3.83 -15.17 -11.23
C VAL A 277 -3.42 -16.33 -10.36
N TYR A 278 -2.99 -16.05 -9.12
CA TYR A 278 -2.64 -17.10 -8.15
C TYR A 278 -3.48 -16.94 -6.91
N ARG A 279 -3.65 -18.02 -6.15
CA ARG A 279 -4.48 -17.98 -4.96
C ARG A 279 -3.74 -18.52 -3.75
N THR A 280 -4.27 -18.22 -2.57
CA THR A 280 -3.87 -18.91 -1.36
C THR A 280 -4.88 -18.74 -0.25
N ASN A 281 -4.92 -19.70 0.66
CA ASN A 281 -5.59 -19.52 1.93
C ASN A 281 -4.54 -19.20 2.98
N GLN A 282 -4.59 -18.00 3.52
CA GLN A 282 -3.70 -17.60 4.61
C GLN A 282 -4.32 -18.01 5.94
N CYS A 283 -3.65 -18.91 6.67
CA CYS A 283 -4.13 -19.34 7.97
C CYS A 283 -3.50 -18.52 9.10
N ALA A 284 -4.08 -18.60 10.29
CA ALA A 284 -3.54 -17.88 11.45
C ALA A 284 -2.06 -18.22 11.66
N GLY A 285 -1.26 -17.19 11.91
CA GLY A 285 0.18 -17.36 12.07
C GLY A 285 0.97 -17.29 10.77
N GLU A 286 0.31 -17.02 9.64
CA GLU A 286 1.05 -16.95 8.38
C GLU A 286 1.10 -15.53 7.82
N PHE A 287 2.15 -15.26 7.07
CA PHE A 287 2.30 -13.99 6.36
C PHE A 287 1.96 -14.12 4.89
N VAL A 288 1.32 -13.10 4.34
CA VAL A 288 1.25 -12.92 2.90
C VAL A 288 2.04 -11.68 2.51
N ILE A 289 2.86 -11.79 1.47
CA ILE A 289 3.60 -10.65 0.94
C ILE A 289 3.15 -10.31 -0.48
N THR A 290 2.85 -9.03 -0.72
CA THR A 290 2.52 -8.57 -2.05
C THR A 290 3.66 -7.70 -2.60
N PHE A 291 3.96 -7.88 -3.88
CA PHE A 291 5.09 -7.23 -4.51
C PHE A 291 4.64 -5.96 -5.25
N PRO A 292 5.61 -5.12 -5.67
CA PRO A 292 5.24 -3.85 -6.31
C PRO A 292 4.33 -3.99 -7.53
N ARG A 293 3.23 -3.23 -7.54
N ARG A 293 3.26 -3.21 -7.53
CA ARG A 293 2.30 -3.20 -8.66
CA ARG A 293 2.25 -3.16 -8.61
C ARG A 293 1.68 -4.60 -8.88
C ARG A 293 1.49 -4.49 -8.79
N ALA A 294 1.61 -5.38 -7.81
CA ALA A 294 0.89 -6.67 -7.85
C ALA A 294 -0.55 -6.50 -7.39
N TYR A 295 -1.52 -6.65 -8.30
CA TYR A 295 -2.93 -6.54 -7.92
C TYR A 295 -3.31 -7.69 -7.00
N HIS A 296 -4.15 -7.42 -6.00
CA HIS A 296 -4.65 -8.49 -5.15
C HIS A 296 -6.04 -8.18 -4.63
N SER A 297 -6.77 -9.23 -4.27
CA SER A 297 -8.12 -9.12 -3.73
C SER A 297 -8.36 -10.35 -2.87
N GLY A 298 -9.46 -10.37 -2.14
CA GLY A 298 -9.78 -11.58 -1.38
C GLY A 298 -11.00 -11.44 -0.50
N PHE A 299 -11.21 -12.45 0.35
CA PHE A 299 -12.33 -12.39 1.27
C PHE A 299 -11.99 -13.26 2.47
N ASN A 300 -12.71 -13.06 3.55
CA ASN A 300 -12.48 -13.83 4.75
C ASN A 300 -13.41 -15.05 4.84
N GLN A 301 -12.86 -16.15 5.31
CA GLN A 301 -13.60 -17.40 5.51
C GLN A 301 -14.49 -17.34 6.75
N GLY A 302 -14.18 -16.42 7.66
CA GLY A 302 -14.98 -16.27 8.87
C GLY A 302 -14.35 -15.24 9.79
N PHE A 303 -14.76 -15.23 11.06
CA PHE A 303 -14.31 -14.25 12.05
C PHE A 303 -12.79 -14.33 12.19
N ASN A 304 -12.11 -13.23 11.94
CA ASN A 304 -10.65 -13.23 12.06
C ASN A 304 -10.06 -11.83 12.28
N PHE A 305 -8.74 -11.77 12.48
CA PHE A 305 -8.05 -10.50 12.80
C PHE A 305 -6.68 -10.47 12.16
N ALA A 306 -6.48 -9.48 11.29
CA ALA A 306 -5.26 -9.39 10.52
C ALA A 306 -4.63 -8.02 10.71
N GLU A 307 -3.35 -7.91 10.38
CA GLU A 307 -2.59 -6.67 10.52
C GLU A 307 -1.67 -6.58 9.33
N ALA A 308 -1.60 -5.40 8.71
CA ALA A 308 -0.88 -5.23 7.46
C ALA A 308 -0.11 -3.91 7.43
N VAL A 309 1.00 -3.86 6.71
CA VAL A 309 1.72 -2.61 6.59
C VAL A 309 2.42 -2.52 5.23
N ASN A 310 2.49 -1.31 4.69
CA ASN A 310 3.27 -1.07 3.49
C ASN A 310 4.73 -1.05 3.83
N PHE A 311 5.58 -1.33 2.84
CA PHE A 311 6.99 -1.06 3.04
C PHE A 311 7.72 -0.99 1.71
N CYS A 312 8.84 -0.31 1.77
CA CYS A 312 9.59 0.04 0.59
C CYS A 312 11.05 -0.31 0.80
N THR A 313 11.55 -1.18 -0.07
CA THR A 313 12.93 -1.64 -0.03
C THR A 313 13.71 -0.88 -1.08
N VAL A 314 15.01 -1.14 -1.17
CA VAL A 314 15.85 -0.51 -2.20
C VAL A 314 15.47 -0.98 -3.61
N ASP A 315 15.06 -2.24 -3.73
CA ASP A 315 14.50 -2.78 -4.97
C ASP A 315 13.36 -1.92 -5.51
N TRP A 316 12.55 -1.38 -4.60
CA TRP A 316 11.36 -0.62 -4.97
C TRP A 316 11.64 0.80 -5.48
N LEU A 317 12.75 1.41 -5.04
CA LEU A 317 13.02 2.81 -5.37
C LEU A 317 12.76 3.23 -6.84
N PRO A 318 13.33 2.51 -7.83
CA PRO A 318 13.05 2.94 -9.21
C PRO A 318 11.58 2.78 -9.60
N LEU A 319 10.91 1.76 -9.06
CA LEU A 319 9.47 1.59 -9.31
C LEU A 319 8.67 2.70 -8.67
N GLY A 320 9.11 3.16 -7.51
CA GLY A 320 8.48 4.30 -6.88
C GLY A 320 8.51 5.53 -7.78
N ARG A 321 9.65 5.76 -8.43
CA ARG A 321 9.76 6.91 -9.35
C ARG A 321 8.83 6.71 -10.54
N GLN A 322 8.83 5.50 -11.11
N GLN A 322 8.82 5.51 -11.12
CA GLN A 322 7.95 5.18 -12.23
CA GLN A 322 7.92 5.22 -12.24
C GLN A 322 6.47 5.36 -11.85
C GLN A 322 6.46 5.42 -11.84
N CYS A 323 6.11 5.01 -10.62
CA CYS A 323 4.73 5.15 -10.17
C CYS A 323 4.24 6.61 -10.17
N VAL A 324 5.07 7.52 -9.66
CA VAL A 324 4.67 8.92 -9.57
C VAL A 324 4.53 9.54 -10.98
N GLU A 325 5.36 9.08 -11.90
CA GLU A 325 5.22 9.43 -13.31
C GLU A 325 3.86 8.95 -13.85
N HIS A 326 3.56 7.69 -13.56
CA HIS A 326 2.27 7.10 -13.91
C HIS A 326 1.10 7.86 -13.30
N TYR A 327 1.20 8.25 -12.02
CA TYR A 327 0.17 9.07 -11.37
C TYR A 327 -0.04 10.41 -12.10
N ARG A 328 1.06 11.01 -12.55
CA ARG A 328 0.96 12.32 -13.23
C ARG A 328 0.18 12.20 -14.54
N LEU A 329 0.54 11.22 -15.35
CA LEU A 329 -0.18 10.97 -16.60
C LEU A 329 -1.67 10.72 -16.38
N LEU A 330 -2.03 10.15 -15.24
CA LEU A 330 -3.44 9.87 -14.93
C LEU A 330 -4.10 10.97 -14.13
N HIS A 331 -3.32 11.97 -13.71
CA HIS A 331 -3.81 13.03 -12.83
C HIS A 331 -4.29 12.52 -11.49
N ARG A 332 -3.60 11.52 -10.95
CA ARG A 332 -3.96 10.97 -9.65
C ARG A 332 -3.12 11.58 -8.51
N TYR A 333 -3.75 11.81 -7.36
CA TYR A 333 -3.04 12.36 -6.21
C TYR A 333 -1.97 11.40 -5.66
N CYS A 334 -0.88 11.98 -5.15
CA CYS A 334 0.18 11.22 -4.49
C CYS A 334 -0.08 11.18 -3.00
N VAL A 335 0.51 10.19 -2.32
CA VAL A 335 0.44 10.15 -0.87
C VAL A 335 1.58 11.01 -0.31
N PHE A 336 2.73 10.95 -0.99
CA PHE A 336 3.88 11.75 -0.59
C PHE A 336 4.70 12.13 -1.82
N SER A 337 5.66 13.03 -1.62
CA SER A 337 6.60 13.37 -2.67
C SER A 337 7.77 12.39 -2.67
N HIS A 338 7.94 11.67 -3.77
CA HIS A 338 9.07 10.77 -3.93
C HIS A 338 10.42 11.53 -3.88
N ASP A 339 10.49 12.66 -4.58
CA ASP A 339 11.72 13.47 -4.58
C ASP A 339 12.04 14.02 -3.21
N GLU A 340 11.02 14.39 -2.44
CA GLU A 340 11.25 14.88 -1.09
C GLU A 340 11.87 13.79 -0.22
N MET A 341 11.38 12.56 -0.39
CA MET A 341 11.94 11.41 0.34
C MET A 341 13.41 11.18 -0.03
N ILE A 342 13.71 11.23 -1.33
CA ILE A 342 15.09 11.08 -1.82
C ILE A 342 16.02 12.16 -1.20
N CYS A 343 15.58 13.42 -1.21
CA CYS A 343 16.44 14.50 -0.70
C CYS A 343 16.58 14.44 0.81
N LYS A 344 15.54 14.01 1.50
CA LYS A 344 15.64 13.79 2.95
C LYS A 344 16.72 12.74 3.25
N MET A 345 16.72 11.66 2.49
CA MET A 345 17.72 10.63 2.71
C MET A 345 19.14 11.12 2.37
N ALA A 346 19.27 11.88 1.28
CA ALA A 346 20.58 12.44 0.93
C ALA A 346 21.09 13.37 2.04
N SER A 347 20.18 14.10 2.67
CA SER A 347 20.57 15.00 3.76
C SER A 347 20.95 14.23 5.03
N LYS A 348 20.75 12.92 5.02
CA LYS A 348 21.09 12.08 6.17
C LYS A 348 22.08 11.02 5.74
N ALA A 349 22.85 11.30 4.69
CA ALA A 349 23.72 10.30 4.08
C ALA A 349 24.67 9.63 5.08
N ASP A 350 25.16 10.40 6.05
CA ASP A 350 26.14 9.86 7.00
C ASP A 350 25.58 8.76 7.92
N VAL A 351 24.25 8.68 8.07
CA VAL A 351 23.69 7.66 8.97
C VAL A 351 22.91 6.57 8.22
N LEU A 352 22.93 6.61 6.89
CA LEU A 352 22.25 5.63 6.07
C LEU A 352 23.01 4.32 5.99
N ASP A 353 22.26 3.23 5.94
CA ASP A 353 22.80 1.94 5.53
C ASP A 353 23.49 2.08 4.18
N VAL A 354 24.62 1.41 3.98
CA VAL A 354 25.45 1.70 2.81
C VAL A 354 24.83 1.19 1.49
N VAL A 355 24.07 0.11 1.53
CA VAL A 355 23.38 -0.36 0.32
C VAL A 355 22.23 0.59 -0.02
N VAL A 356 21.54 1.08 1.00
CA VAL A 356 20.51 2.08 0.81
C VAL A 356 21.13 3.32 0.16
N ALA A 357 22.28 3.76 0.69
CA ALA A 357 22.95 4.93 0.17
C ALA A 357 23.26 4.76 -1.31
N SER A 358 23.75 3.58 -1.67
CA SER A 358 24.13 3.28 -3.05
C SER A 358 22.92 3.36 -4.00
N THR A 359 21.80 2.81 -3.56
CA THR A 359 20.58 2.82 -4.37
C THR A 359 19.96 4.22 -4.46
N VAL A 360 19.93 4.95 -3.35
CA VAL A 360 19.41 6.30 -3.37
C VAL A 360 20.25 7.18 -4.31
N GLN A 361 21.55 6.98 -4.28
CA GLN A 361 22.44 7.76 -5.15
C GLN A 361 22.05 7.61 -6.63
N LYS A 362 21.72 6.38 -7.03
CA LYS A 362 21.36 6.11 -8.41
C LYS A 362 20.03 6.77 -8.80
N ASP A 363 19.06 6.74 -7.90
CA ASP A 363 17.78 7.39 -8.17
C ASP A 363 17.99 8.90 -8.20
N MET A 364 18.81 9.41 -7.29
CA MET A 364 19.07 10.84 -7.25
C MET A 364 19.72 11.32 -8.55
N ALA A 365 20.59 10.52 -9.13
CA ALA A 365 21.24 10.91 -10.38
C ALA A 365 20.20 11.07 -11.48
N ILE A 366 19.23 10.18 -11.52
CA ILE A 366 18.15 10.28 -12.50
C ILE A 366 17.30 11.53 -12.22
N MET A 367 16.99 11.76 -10.95
CA MET A 367 16.20 12.91 -10.55
C MET A 367 16.88 14.21 -11.01
N ILE A 368 18.18 14.32 -10.78
CA ILE A 368 18.89 15.55 -11.11
C ILE A 368 18.92 15.78 -12.62
N GLU A 369 19.22 14.75 -13.40
CA GLU A 369 19.22 14.93 -14.85
C GLU A 369 17.83 15.27 -15.39
N ASP A 370 16.77 14.64 -14.87
CA ASP A 370 15.42 15.03 -15.31
C ASP A 370 15.10 16.48 -14.93
N GLU A 371 15.53 16.91 -13.75
CA GLU A 371 15.21 18.24 -13.24
C GLU A 371 15.98 19.29 -14.05
N LYS A 372 17.23 18.97 -14.37
CA LYS A 372 18.04 19.84 -15.19
C LYS A 372 17.38 20.08 -16.55
N ALA A 373 16.88 19.02 -17.18
CA ALA A 373 16.24 19.16 -18.48
C ALA A 373 14.93 19.94 -18.38
N LEU A 374 14.16 19.72 -17.33
CA LEU A 374 12.87 20.41 -17.15
C LEU A 374 13.08 21.91 -16.95
N ARG A 375 14.08 22.26 -16.15
CA ARG A 375 14.38 23.66 -15.91
C ARG A 375 14.90 24.34 -17.18
N GLU A 376 15.60 23.61 -18.03
CA GLU A 376 16.06 24.20 -19.28
C GLU A 376 14.87 24.49 -20.17
N THR A 377 13.91 23.56 -20.18
CA THR A 377 12.71 23.71 -20.98
C THR A 377 11.84 24.88 -20.54
N VAL A 378 11.61 25.06 -19.24
CA VAL A 378 10.79 26.19 -18.82
C VAL A 378 11.53 27.54 -19.01
N ARG A 379 12.86 27.54 -18.94
CA ARG A 379 13.61 28.77 -19.25
C ARG A 379 13.36 29.18 -20.71
N LYS A 380 13.32 28.19 -21.60
CA LYS A 380 13.07 28.43 -23.02
C LYS A 380 11.63 28.85 -23.29
N LEU A 381 10.74 28.60 -22.34
CA LEU A 381 9.37 29.07 -22.44
C LEU A 381 9.24 30.52 -21.99
N GLY A 382 10.33 31.08 -21.49
CA GLY A 382 10.33 32.48 -21.10
C GLY A 382 10.15 32.74 -19.61
N VAL A 383 10.24 31.69 -18.80
CA VAL A 383 10.21 31.89 -17.34
C VAL A 383 11.61 32.28 -16.89
N ILE A 384 11.76 33.49 -16.36
CA ILE A 384 13.09 33.98 -16.06
C ILE A 384 13.34 34.19 -14.57
N ASP A 385 12.39 34.82 -13.90
CA ASP A 385 12.52 35.07 -12.48
C ASP A 385 12.44 33.75 -11.68
N SER A 386 13.06 33.71 -10.51
CA SER A 386 13.01 32.51 -9.68
C SER A 386 13.26 32.86 -8.21
N GLU A 387 12.86 31.95 -7.32
CA GLU A 387 13.11 32.11 -5.89
C GLU A 387 13.07 30.74 -5.23
N ARG A 388 13.97 30.51 -4.29
CA ARG A 388 13.95 29.29 -3.50
C ARG A 388 12.63 29.19 -2.73
N MET A 389 12.09 27.98 -2.63
CA MET A 389 10.84 27.80 -1.92
C MET A 389 10.92 26.50 -1.13
N ASP A 390 10.65 26.57 0.17
CA ASP A 390 10.64 25.37 1.02
C ASP A 390 9.30 24.63 0.94
N PHE A 391 9.14 23.85 -0.12
CA PHE A 391 7.89 23.16 -0.39
C PHE A 391 7.46 22.26 0.78
N GLU A 392 8.43 21.71 1.50
CA GLU A 392 8.09 20.74 2.55
C GLU A 392 7.30 21.41 3.68
N LEU A 393 7.28 22.74 3.72
CA LEU A 393 6.56 23.45 4.77
C LEU A 393 5.06 23.62 4.46
N LEU A 394 4.69 23.47 3.19
CA LEU A 394 3.28 23.58 2.82
C LEU A 394 2.49 22.31 3.13
N PRO A 395 1.26 22.47 3.64
CA PRO A 395 0.32 21.32 3.68
C PRO A 395 0.27 20.66 2.29
N ASP A 396 0.17 19.33 2.23
CA ASP A 396 0.24 18.64 0.94
C ASP A 396 -0.81 19.10 -0.06
N ASP A 397 -2.00 19.47 0.41
CA ASP A 397 -3.04 19.90 -0.50
C ASP A 397 -2.84 21.35 -0.93
N GLU A 398 -1.75 21.97 -0.46
CA GLU A 398 -1.40 23.31 -0.91
C GLU A 398 -0.20 23.30 -1.87
N ARG A 399 0.26 22.12 -2.28
CA ARG A 399 1.32 22.10 -3.30
C ARG A 399 1.12 21.03 -4.38
N GLN A 400 -0.13 20.81 -4.78
CA GLN A 400 -0.39 19.96 -5.94
C GLN A 400 -0.47 20.78 -7.22
N CYS A 401 0.11 20.24 -8.30
CA CYS A 401 -0.02 20.82 -9.63
C CYS A 401 -1.50 20.95 -10.00
N VAL A 402 -1.93 22.16 -10.29
CA VAL A 402 -3.32 22.44 -10.66
C VAL A 402 -3.86 21.51 -11.76
N LYS A 403 -2.97 21.12 -12.67
CA LYS A 403 -3.33 20.23 -13.76
C LYS A 403 -3.24 18.74 -13.42
N CYS A 404 -2.07 18.25 -13.00
CA CYS A 404 -1.90 16.80 -12.89
C CYS A 404 -1.93 16.27 -11.46
N LYS A 405 -2.11 17.18 -10.50
CA LYS A 405 -2.27 16.87 -9.08
C LYS A 405 -1.00 16.33 -8.40
N THR A 406 0.12 16.30 -9.10
CA THR A 406 1.34 15.77 -8.48
C THR A 406 1.77 16.66 -7.32
N THR A 407 2.40 16.07 -6.33
CA THR A 407 2.87 16.83 -5.18
C THR A 407 4.22 17.44 -5.55
N CYS A 408 4.28 18.77 -5.58
CA CYS A 408 5.52 19.43 -5.96
C CYS A 408 6.55 19.41 -4.83
N PHE A 409 7.82 19.33 -5.21
CA PHE A 409 8.88 19.50 -4.24
C PHE A 409 10.15 20.06 -4.88
N MET A 410 10.59 19.47 -5.98
CA MET A 410 11.84 19.93 -6.58
C MET A 410 11.66 21.36 -7.12
N SER A 411 10.52 21.60 -7.76
CA SER A 411 10.23 22.89 -8.36
C SER A 411 8.78 23.03 -8.80
N ALA A 412 8.35 24.25 -9.00
CA ALA A 412 7.02 24.52 -9.51
C ALA A 412 7.03 25.91 -10.13
N ILE A 413 5.97 26.24 -10.85
CA ILE A 413 5.77 27.57 -11.40
C ILE A 413 4.60 28.24 -10.68
N SER A 414 4.77 29.51 -10.30
CA SER A 414 3.70 30.29 -9.69
C SER A 414 3.46 31.57 -10.48
N CYS A 415 2.33 32.23 -10.25
CA CYS A 415 2.05 33.54 -10.83
C CYS A 415 1.29 34.40 -9.85
N SER A 416 1.70 35.66 -9.67
CA SER A 416 1.04 36.56 -8.71
C SER A 416 -0.44 36.79 -9.05
N CYS A 417 -0.76 36.63 -10.33
CA CYS A 417 -2.15 36.54 -10.79
C CYS A 417 -3.04 35.49 -10.09
N LYS A 418 -2.47 34.34 -9.78
CA LYS A 418 -3.19 33.23 -9.12
C LYS A 418 -2.55 32.85 -7.80
N PRO A 419 -2.72 33.69 -6.76
CA PRO A 419 -2.03 33.51 -5.49
C PRO A 419 -2.26 32.12 -4.90
N GLY A 420 -1.18 31.41 -4.58
CA GLY A 420 -1.29 30.09 -3.98
C GLY A 420 -1.36 28.91 -4.93
N LEU A 421 -1.65 29.16 -6.20
CA LEU A 421 -1.70 28.06 -7.17
C LEU A 421 -0.35 27.70 -7.77
N LEU A 422 -0.13 26.41 -8.03
CA LEU A 422 1.12 25.93 -8.59
C LEU A 422 0.87 25.01 -9.75
N VAL A 423 1.80 25.01 -10.70
CA VAL A 423 1.91 23.90 -11.62
C VAL A 423 3.30 23.30 -11.57
N CYS A 424 3.40 22.00 -11.80
CA CYS A 424 4.70 21.36 -11.96
C CYS A 424 5.29 21.78 -13.31
N LEU A 425 6.54 21.45 -13.53
CA LEU A 425 7.23 21.97 -14.71
C LEU A 425 6.80 21.31 -16.01
N HIS A 426 6.01 20.23 -15.94
CA HIS A 426 5.41 19.65 -17.15
C HIS A 426 4.19 20.43 -17.64
N HIS A 427 3.69 21.32 -16.80
CA HIS A 427 2.42 21.97 -17.08
C HIS A 427 2.43 23.50 -16.94
N VAL A 428 3.57 24.09 -17.28
CA VAL A 428 3.74 25.55 -17.27
C VAL A 428 2.61 26.29 -18.00
N LYS A 429 2.16 25.73 -19.11
CA LYS A 429 1.09 26.35 -19.90
C LYS A 429 -0.30 26.23 -19.29
N GLU A 430 -0.42 25.56 -18.15
CA GLU A 430 -1.75 25.31 -17.59
C GLU A 430 -2.13 26.16 -16.39
N LEU A 431 -1.30 27.14 -16.06
CA LEU A 431 -1.54 27.92 -14.84
C LEU A 431 -2.49 29.11 -15.01
N CYS A 432 -2.23 29.96 -15.99
CA CYS A 432 -3.06 31.13 -16.22
C CYS A 432 -2.77 31.75 -17.59
N SER A 433 -3.47 32.84 -17.91
CA SER A 433 -3.34 33.44 -19.24
C SER A 433 -2.22 34.48 -19.33
N CYS A 434 -1.56 34.77 -18.22
CA CYS A 434 -0.47 35.75 -18.21
C CYS A 434 0.70 35.24 -19.05
N PRO A 435 1.48 36.17 -19.64
CA PRO A 435 2.71 35.76 -20.32
C PRO A 435 3.74 35.25 -19.32
N PRO A 436 4.57 34.28 -19.72
CA PRO A 436 5.59 33.61 -18.91
C PRO A 436 6.57 34.50 -18.15
N TYR A 437 6.87 35.70 -18.63
CA TYR A 437 7.80 36.54 -17.86
C TYR A 437 7.16 37.01 -16.54
N LYS A 438 5.85 36.82 -16.38
CA LYS A 438 5.19 37.14 -15.12
C LYS A 438 5.32 35.98 -14.10
N TYR A 439 5.82 34.85 -14.57
CA TYR A 439 5.91 33.65 -13.74
C TYR A 439 7.19 33.64 -12.92
N LYS A 440 7.19 32.87 -11.83
CA LYS A 440 8.43 32.60 -11.10
C LYS A 440 8.63 31.10 -11.03
N LEU A 441 9.85 30.66 -11.32
CA LEU A 441 10.29 29.32 -10.96
C LEU A 441 10.57 29.25 -9.44
N ARG A 442 9.78 28.46 -8.74
CA ARG A 442 10.01 28.20 -7.33
C ARG A 442 10.77 26.90 -7.21
N TYR A 443 11.95 26.91 -6.58
CA TYR A 443 12.78 25.70 -6.54
C TYR A 443 13.24 25.40 -5.13
N ARG A 444 13.34 24.12 -4.77
CA ARG A 444 13.83 23.78 -3.44
C ARG A 444 15.36 23.91 -3.36
N TYR A 445 16.04 23.44 -4.40
CA TYR A 445 17.49 23.37 -4.46
C TYR A 445 17.99 23.86 -5.81
N THR A 446 19.14 24.53 -5.82
CA THR A 446 19.84 24.78 -7.09
C THR A 446 20.55 23.50 -7.50
N LEU A 447 20.90 23.40 -8.77
CA LEU A 447 21.72 22.27 -9.24
C LEU A 447 23.02 22.19 -8.45
N ASP A 448 23.59 23.35 -8.11
CA ASP A 448 24.81 23.38 -7.29
C ASP A 448 24.60 22.88 -5.85
N ASP A 449 23.38 22.97 -5.32
CA ASP A 449 23.08 22.33 -4.03
C ASP A 449 23.01 20.81 -4.17
N LEU A 450 22.48 20.36 -5.30
CA LEU A 450 22.13 18.94 -5.46
C LEU A 450 23.33 18.01 -5.67
N TYR A 451 24.31 18.45 -6.47
CA TYR A 451 25.46 17.56 -6.73
C TYR A 451 26.25 17.19 -5.45
N PRO A 452 26.49 18.15 -4.53
CA PRO A 452 27.14 17.69 -3.30
C PRO A 452 26.29 16.74 -2.44
N MET A 453 24.97 16.88 -2.49
CA MET A 453 24.11 15.96 -1.73
C MET A 453 24.28 14.56 -2.33
N MET A 454 24.32 14.49 -3.66
CA MET A 454 24.48 13.19 -4.29
C MET A 454 25.87 12.60 -3.99
N ASN A 455 26.89 13.46 -3.93
N ASN A 455 26.87 13.49 -3.92
CA ASN A 455 28.24 13.00 -3.62
CA ASN A 455 28.24 13.07 -3.62
C ASN A 455 28.36 12.44 -2.21
C ASN A 455 28.38 12.49 -2.22
N ALA A 456 27.58 12.98 -1.29
CA ALA A 456 27.59 12.49 0.08
C ALA A 456 27.12 11.04 0.10
N LEU A 457 26.10 10.73 -0.69
CA LEU A 457 25.59 9.37 -0.83
C LEU A 457 26.69 8.47 -1.42
N LYS A 458 27.37 8.95 -2.44
CA LYS A 458 28.44 8.17 -3.07
C LYS A 458 29.58 7.87 -2.08
N LEU A 459 30.00 8.87 -1.32
CA LEU A 459 31.00 8.64 -0.27
C LEU A 459 30.50 7.62 0.76
N ARG A 460 29.26 7.76 1.21
CA ARG A 460 28.72 6.79 2.16
C ARG A 460 28.71 5.38 1.57
N ALA A 461 28.28 5.27 0.32
CA ALA A 461 28.25 3.98 -0.36
C ALA A 461 29.66 3.49 -0.71
N GLU A 462 30.62 4.41 -0.64
CA GLU A 462 32.03 4.18 -1.00
C GLU A 462 32.13 3.65 -2.42
#